data_2CJS
#
_entry.id   2CJS
#
_cell.length_a   50.248
_cell.length_b   93.534
_cell.length_c   113.128
_cell.angle_alpha   90.00
_cell.angle_beta   90.00
_cell.angle_gamma   90.00
#
_symmetry.space_group_name_H-M   'P 21 21 21'
#
loop_
_entity.id
_entity.type
_entity.pdbx_description
1 polymer 'UNC-13 HOMOLOG A'
2 polymer 'REGULATING SYNAPTIC MEMBRANE EXOCYTOSIS PROTEIN 2'
3 non-polymer 1,2-ETHANEDIOL
4 non-polymer GLYCEROL
5 non-polymer 'ZINC ION'
6 water water
#
loop_
_entity_poly.entity_id
_entity_poly.type
_entity_poly.pdbx_seq_one_letter_code
_entity_poly.pdbx_strand_id
1 'polypeptide(L)'
;GSPGISGGGGGILSLLCVGVKKAKFDGAQEKFNTYVTLKVQNVESTTIAVRGSQPSWEQDFMFEINRLDLGLTVEVWNKG
LIWDTMVGTVWIPLRTIRQSNEEGPGEWLTLDSQAIMADSEICGTKDPTFHRILLDAHFELPLDIPEEEARYWAKKLEQL
NAKLNSS
;
A,B
2 'polypeptide(L)' GSQEQKGDAPTCGICHKTKFADGCGHNCSYCQTKFCARCGGRVSLRSNKVMWVCNLCRKQQE C
#
loop_
_chem_comp.id
_chem_comp.type
_chem_comp.name
_chem_comp.formula
EDO non-polymer 1,2-ETHANEDIOL 'C2 H6 O2'
GOL non-polymer GLYCEROL 'C3 H8 O3'
ZN non-polymer 'ZINC ION' 'Zn 2'
#
# COMPACT_ATOMS: atom_id res chain seq x y z
N GLY A 4 -3.11 10.37 -23.12
CA GLY A 4 -2.03 9.75 -23.94
C GLY A 4 -0.85 9.20 -23.11
N ILE A 5 0.10 10.05 -22.73
CA ILE A 5 1.28 9.62 -21.95
C ILE A 5 1.20 10.48 -20.73
N SER A 6 1.28 9.86 -19.54
CA SER A 6 1.16 10.60 -18.28
C SER A 6 2.39 10.33 -17.43
N GLY A 7 2.89 11.35 -16.73
CA GLY A 7 3.90 11.11 -15.66
C GLY A 7 3.33 11.06 -14.24
N GLY A 8 1.99 11.05 -14.13
CA GLY A 8 1.31 11.03 -12.84
C GLY A 8 1.68 9.80 -12.00
N GLY A 9 2.07 10.01 -10.75
CA GLY A 9 2.54 8.89 -9.92
C GLY A 9 1.38 8.09 -9.36
N GLY A 10 0.18 8.67 -9.41
CA GLY A 10 -1.04 8.03 -8.87
C GLY A 10 -1.12 8.10 -7.35
N GLY A 11 -1.98 7.27 -6.77
CA GLY A 11 -2.27 7.43 -5.36
C GLY A 11 -2.03 6.26 -4.43
N ILE A 12 -1.21 5.31 -4.83
CA ILE A 12 -0.86 4.19 -3.94
C ILE A 12 0.05 4.73 -2.84
N LEU A 13 -0.28 4.47 -1.58
CA LEU A 13 0.56 4.90 -0.45
C LEU A 13 1.48 3.73 -0.10
N SER A 14 2.74 3.81 -0.53
N SER A 14 2.74 3.81 -0.51
CA SER A 14 3.70 2.71 -0.31
CA SER A 14 3.70 2.70 -0.27
C SER A 14 4.86 3.08 0.58
C SER A 14 4.78 3.09 0.70
N LEU A 15 5.14 4.37 0.72
CA LEU A 15 6.34 4.77 1.48
C LEU A 15 5.98 5.30 2.84
N LEU A 16 6.24 4.49 3.84
CA LEU A 16 5.96 4.88 5.24
C LEU A 16 7.21 5.50 5.80
N CYS A 17 7.08 6.70 6.36
CA CYS A 17 8.18 7.39 6.92
C CYS A 17 7.89 7.43 8.43
N VAL A 18 8.88 7.10 9.25
CA VAL A 18 8.73 7.15 10.69
C VAL A 18 9.85 8.01 11.31
N GLY A 19 9.50 8.91 12.22
CA GLY A 19 10.48 9.82 12.82
C GLY A 19 10.47 9.43 14.28
N VAL A 20 11.54 8.78 14.68
CA VAL A 20 11.75 8.45 16.12
C VAL A 20 12.45 9.61 16.82
N LYS A 21 11.70 10.37 17.62
CA LYS A 21 12.20 11.65 18.11
C LYS A 21 12.91 11.50 19.44
N LYS A 22 12.14 11.18 20.48
CA LYS A 22 12.75 11.16 21.80
C LYS A 22 11.83 10.41 22.73
N ALA A 23 12.26 10.21 23.95
CA ALA A 23 11.39 9.55 24.96
C ALA A 23 11.59 10.23 26.33
N LYS A 24 10.65 9.98 27.24
CA LYS A 24 10.77 10.49 28.61
C LYS A 24 10.39 9.34 29.53
N PHE A 25 11.38 8.86 30.30
CA PHE A 25 11.16 7.73 31.18
C PHE A 25 10.96 8.19 32.61
N ASP A 26 10.11 7.44 33.30
CA ASP A 26 9.86 7.68 34.71
C ASP A 26 10.93 6.87 35.43
N GLY A 27 11.87 7.56 36.07
CA GLY A 27 12.86 6.92 36.96
C GLY A 27 14.30 7.40 36.79
N ALA A 28 15.21 6.72 37.49
CA ALA A 28 16.59 7.19 37.57
C ALA A 28 17.32 7.04 36.22
N GLN A 29 17.89 8.16 35.77
CA GLN A 29 18.53 8.26 34.46
C GLN A 29 19.69 7.28 34.18
N GLU A 30 20.51 6.97 35.20
CA GLU A 30 21.57 5.95 35.05
C GLU A 30 20.96 4.55 34.78
N LYS A 31 19.65 4.43 34.98
CA LYS A 31 19.02 3.16 34.76
C LYS A 31 18.76 2.90 33.27
N PHE A 32 18.96 3.89 32.40
CA PHE A 32 18.53 3.73 30.97
C PHE A 32 19.63 3.93 29.96
N ASN A 33 19.76 2.95 29.05
CA ASN A 33 20.55 3.09 27.84
C ASN A 33 19.72 2.43 26.76
N THR A 34 18.94 3.22 26.03
CA THR A 34 17.79 2.65 25.29
C THR A 34 17.89 2.87 23.80
N TYR A 35 17.26 1.96 23.06
CA TYR A 35 17.13 2.08 21.60
C TYR A 35 15.68 1.81 21.23
N VAL A 36 15.33 2.11 20.01
CA VAL A 36 13.92 1.88 19.57
C VAL A 36 13.98 0.95 18.37
N THR A 37 13.16 -0.10 18.39
CA THR A 37 13.02 -0.90 17.19
CA THR A 37 13.02 -0.91 17.18
C THR A 37 11.65 -0.70 16.56
N LEU A 38 11.60 -0.74 15.23
CA LEU A 38 10.34 -0.55 14.47
C LEU A 38 10.18 -1.77 13.63
N LYS A 39 8.97 -2.30 13.55
CA LYS A 39 8.74 -3.53 12.75
C LYS A 39 7.48 -3.26 11.92
N VAL A 40 7.59 -3.46 10.61
CA VAL A 40 6.39 -3.35 9.80
C VAL A 40 6.53 -4.22 8.54
N GLN A 41 5.49 -5.00 8.28
CA GLN A 41 5.47 -5.90 7.11
C GLN A 41 6.78 -6.74 7.03
N ASN A 42 7.16 -7.30 8.18
N ASN A 42 7.16 -7.30 8.17
CA ASN A 42 8.37 -8.12 8.33
CA ASN A 42 8.35 -8.14 8.29
C ASN A 42 9.71 -7.46 7.97
C ASN A 42 9.72 -7.44 8.19
N VAL A 43 9.72 -6.11 8.01
CA VAL A 43 10.96 -5.33 7.93
C VAL A 43 11.23 -4.78 9.33
N GLU A 44 12.51 -4.71 9.77
CA GLU A 44 12.81 -4.21 11.13
C GLU A 44 13.93 -3.19 10.99
N SER A 45 13.84 -2.10 11.75
CA SER A 45 14.92 -1.12 11.80
C SER A 45 15.11 -0.69 13.24
N THR A 46 16.26 -0.08 13.57
N THR A 46 16.29 -0.18 13.56
CA THR A 46 16.58 0.21 14.97
CA THR A 46 16.57 0.24 14.96
C THR A 46 17.37 1.52 15.05
N THR A 47 17.14 2.29 16.10
CA THR A 47 18.00 3.44 16.36
C THR A 47 19.29 2.95 17.01
N ILE A 48 20.23 3.88 17.17
CA ILE A 48 21.33 3.64 18.16
C ILE A 48 20.81 3.72 19.59
N ALA A 49 21.63 3.31 20.56
CA ALA A 49 21.28 3.35 21.97
C ALA A 49 21.78 4.67 22.51
N VAL A 50 20.97 5.31 23.35
CA VAL A 50 21.23 6.64 23.92
C VAL A 50 20.95 6.56 25.41
N ARG A 51 21.88 7.09 26.22
CA ARG A 51 21.73 7.03 27.67
C ARG A 51 20.80 8.09 28.23
N GLY A 52 20.20 7.79 29.37
CA GLY A 52 19.46 8.78 30.18
C GLY A 52 17.95 8.61 30.25
N SER A 53 17.30 9.38 31.10
CA SER A 53 15.86 9.23 31.23
C SER A 53 15.09 10.06 30.17
N GLN A 54 15.81 10.85 29.37
CA GLN A 54 15.20 11.67 28.28
C GLN A 54 16.01 11.55 26.99
N PRO A 55 16.16 10.32 26.48
CA PRO A 55 17.01 10.17 25.28
C PRO A 55 16.41 10.87 24.06
N SER A 56 17.26 11.49 23.25
CA SER A 56 16.83 12.05 21.97
C SER A 56 17.56 11.25 20.85
N TRP A 57 16.81 10.55 19.99
CA TRP A 57 17.40 9.84 18.84
C TRP A 57 17.34 10.69 17.59
N GLU A 58 16.17 11.32 17.34
CA GLU A 58 15.97 12.14 16.15
C GLU A 58 16.44 11.41 14.89
N GLN A 59 15.94 10.18 14.72
CA GLN A 59 16.29 9.37 13.58
C GLN A 59 15.07 9.05 12.74
N ASP A 60 15.21 9.15 11.40
N ASP A 60 15.13 9.22 11.40
CA ASP A 60 14.13 8.84 10.47
CA ASP A 60 13.99 8.79 10.57
C ASP A 60 14.33 7.47 9.83
C ASP A 60 14.29 7.50 9.84
N PHE A 61 13.24 6.77 9.52
CA PHE A 61 13.31 5.45 8.91
C PHE A 61 12.24 5.46 7.84
N MET A 62 12.51 4.76 6.74
N MET A 62 12.48 4.77 6.74
CA MET A 62 11.54 4.70 5.63
CA MET A 62 11.48 4.72 5.68
C MET A 62 11.36 3.22 5.27
C MET A 62 11.35 3.26 5.23
N PHE A 63 10.12 2.84 4.93
CA PHE A 63 9.80 1.44 4.63
C PHE A 63 8.90 1.53 3.41
N GLU A 64 9.24 0.78 2.36
CA GLU A 64 8.36 0.74 1.20
C GLU A 64 7.58 -0.57 1.31
N ILE A 65 6.27 -0.43 1.50
CA ILE A 65 5.40 -1.61 1.83
C ILE A 65 4.17 -1.63 0.91
N ASN A 66 3.28 -2.65 1.07
CA ASN A 66 2.07 -2.65 0.25
C ASN A 66 0.84 -3.16 1.01
N ARG A 67 1.09 -3.52 2.27
N ARG A 67 0.86 -3.10 2.33
CA ARG A 67 0.06 -4.07 3.14
CA ARG A 67 -0.32 -3.45 3.15
C ARG A 67 -0.29 -3.12 4.25
C ARG A 67 -0.75 -2.35 4.07
N LEU A 68 -1.30 -2.29 3.96
N LEU A 68 -2.05 -2.25 4.34
CA LEU A 68 -1.84 -1.30 4.89
CA LEU A 68 -2.57 -1.42 5.46
C LEU A 68 -2.71 -1.93 5.98
C LEU A 68 -3.30 -2.25 6.53
N ASP A 69 -3.07 -3.20 5.82
N ASP A 69 -3.45 -3.55 6.26
CA ASP A 69 -3.94 -3.84 6.78
CA ASP A 69 -4.13 -4.48 7.16
C ASP A 69 -3.26 -4.15 8.11
C ASP A 69 -3.09 -5.05 8.13
N LEU A 70 -1.94 -4.00 8.21
N LEU A 70 -2.36 -4.12 8.75
CA LEU A 70 -1.28 -4.35 9.49
CA LEU A 70 -1.18 -4.42 9.55
C LEU A 70 -0.98 -3.12 10.42
C LEU A 70 -0.82 -3.11 10.27
N GLY A 71 0.01 -3.24 11.29
CA GLY A 71 0.42 -2.03 12.05
C GLY A 71 1.93 -1.95 12.15
N LEU A 72 2.41 -0.83 12.67
CA LEU A 72 3.82 -0.55 12.94
C LEU A 72 4.00 -0.89 14.42
N THR A 73 4.88 -1.87 14.71
CA THR A 73 5.16 -2.15 16.11
C THR A 73 6.38 -1.27 16.50
N VAL A 74 6.29 -0.58 17.63
CA VAL A 74 7.40 0.21 18.13
C VAL A 74 7.77 -0.39 19.49
N GLU A 75 9.06 -0.67 19.70
CA GLU A 75 9.52 -1.16 21.00
C GLU A 75 10.67 -0.33 21.46
N VAL A 76 10.67 -0.02 22.76
CA VAL A 76 11.84 0.69 23.35
C VAL A 76 12.49 -0.36 24.24
N TRP A 77 13.80 -0.54 24.03
CA TRP A 77 14.59 -1.60 24.70
C TRP A 77 15.71 -0.97 25.52
N ASN A 78 15.90 -1.47 26.73
CA ASN A 78 17.04 -1.09 27.55
C ASN A 78 18.17 -2.08 27.28
N LYS A 79 19.32 -1.54 26.84
CA LYS A 79 20.43 -2.38 26.44
C LYS A 79 21.18 -3.03 27.62
N GLY A 80 21.46 -4.32 27.51
CA GLY A 80 22.27 -5.00 28.54
C GLY A 80 23.42 -5.66 27.78
N LEU A 81 24.54 -5.83 28.46
CA LEU A 81 25.70 -6.51 27.89
C LEU A 81 25.41 -7.97 27.46
N ILE A 82 24.44 -8.62 28.15
CA ILE A 82 24.05 -10.02 27.88
C ILE A 82 22.64 -10.10 27.31
N TRP A 83 21.67 -9.52 27.98
CA TRP A 83 20.34 -9.39 27.38
C TRP A 83 19.77 -7.98 27.52
N ASP A 84 18.90 -7.64 26.59
CA ASP A 84 18.16 -6.39 26.62
C ASP A 84 16.77 -6.60 27.26
N THR A 85 16.18 -5.54 27.82
CA THR A 85 14.92 -5.72 28.47
C THR A 85 13.97 -4.69 27.92
N MET A 86 12.73 -5.10 27.60
CA MET A 86 11.83 -4.12 26.96
C MET A 86 11.34 -3.12 27.96
N VAL A 87 11.42 -1.85 27.62
CA VAL A 87 10.87 -0.79 28.45
C VAL A 87 9.40 -0.62 28.16
N GLY A 88 9.06 -0.68 26.89
CA GLY A 88 7.63 -0.61 26.58
C GLY A 88 7.41 -0.67 25.08
N THR A 89 6.14 -0.62 24.65
CA THR A 89 5.79 -0.86 23.25
C THR A 89 4.49 -0.13 22.92
N VAL A 90 4.30 0.24 21.66
CA VAL A 90 3.00 0.64 21.16
C VAL A 90 2.85 -0.02 19.82
N TRP A 91 1.61 -0.09 19.34
CA TRP A 91 1.33 -0.70 18.02
C TRP A 91 0.41 0.31 17.32
N ILE A 92 0.82 0.76 16.13
CA ILE A 92 0.09 1.83 15.41
C ILE A 92 -0.50 1.23 14.12
N PRO A 93 -1.83 1.08 14.04
CA PRO A 93 -2.45 0.51 12.84
C PRO A 93 -2.12 1.43 11.65
N LEU A 94 -1.72 0.86 10.51
CA LEU A 94 -1.19 1.71 9.42
C LEU A 94 -2.30 2.61 8.84
N ARG A 95 -3.54 2.19 9.00
CA ARG A 95 -4.70 2.96 8.50
CA ARG A 95 -4.65 3.00 8.45
C ARG A 95 -4.91 4.27 9.30
N THR A 96 -4.31 4.36 10.48
CA THR A 96 -4.44 5.59 11.27
C THR A 96 -3.36 6.64 10.92
N ILE A 97 -2.41 6.27 10.05
CA ILE A 97 -1.25 7.11 9.80
C ILE A 97 -1.59 8.10 8.65
N ARG A 98 -1.30 9.38 8.89
CA ARG A 98 -1.62 10.46 7.93
C ARG A 98 -0.83 10.31 6.66
N GLN A 99 -1.39 10.82 5.58
CA GLN A 99 -0.67 10.95 4.34
C GLN A 99 -0.18 12.38 4.29
N SER A 100 1.13 12.55 4.10
CA SER A 100 1.72 13.89 4.09
C SER A 100 3.02 13.94 3.31
N ASN A 101 3.46 15.13 2.93
CA ASN A 101 4.76 15.24 2.28
C ASN A 101 5.83 15.80 3.22
N GLU A 102 5.42 16.14 4.45
CA GLU A 102 6.26 16.88 5.39
C GLU A 102 6.45 16.05 6.62
N GLU A 103 7.56 16.35 7.30
CA GLU A 103 7.84 15.84 8.61
CA GLU A 103 7.87 15.87 8.65
C GLU A 103 6.85 16.50 9.57
N GLY A 104 6.47 15.80 10.64
CA GLY A 104 5.59 16.41 11.59
C GLY A 104 6.22 16.52 12.96
N PRO A 105 5.49 17.12 13.92
CA PRO A 105 5.99 17.34 15.25
C PRO A 105 6.02 16.02 16.05
N GLY A 106 5.27 15.03 15.60
CA GLY A 106 5.09 13.82 16.42
C GLY A 106 4.06 14.00 17.51
N GLU A 107 3.66 12.88 18.07
CA GLU A 107 2.86 12.91 19.26
C GLU A 107 3.46 12.02 20.34
N TRP A 108 3.17 12.40 21.58
CA TRP A 108 3.66 11.67 22.73
C TRP A 108 2.72 10.54 23.00
N LEU A 109 3.23 9.33 22.99
CA LEU A 109 2.42 8.16 23.20
C LEU A 109 2.89 7.47 24.51
N THR A 110 1.93 7.02 25.33
CA THR A 110 2.30 6.24 26.49
C THR A 110 2.77 4.85 26.06
N LEU A 111 3.91 4.43 26.61
CA LEU A 111 4.36 3.12 26.28
C LEU A 111 3.62 2.09 27.17
N ASP A 112 3.20 0.98 26.56
CA ASP A 112 2.55 -0.13 27.26
C ASP A 112 3.54 -1.28 27.50
N SER A 113 3.18 -2.23 28.38
CA SER A 113 4.11 -3.30 28.73
C SER A 113 3.99 -4.52 27.88
N GLN A 114 2.83 -4.72 27.25
CA GLN A 114 2.55 -6.02 26.66
CA GLN A 114 2.52 -6.01 26.66
C GLN A 114 1.72 -5.86 25.40
N ALA A 115 1.86 -6.81 24.47
CA ALA A 115 0.99 -6.81 23.28
C ALA A 115 -0.40 -7.40 23.64
N ILE A 116 -1.45 -6.89 22.99
CA ILE A 116 -2.73 -7.60 22.89
C ILE A 116 -2.63 -8.48 21.66
N MET A 117 -2.78 -9.79 21.89
CA MET A 117 -2.66 -10.77 20.81
C MET A 117 -4.02 -11.38 20.54
N ALA A 118 -4.36 -11.53 19.26
CA ALA A 118 -5.55 -12.30 18.86
C ALA A 118 -5.17 -13.19 17.68
N ASP A 119 -5.47 -14.47 17.77
CA ASP A 119 -5.16 -15.36 16.62
C ASP A 119 -3.67 -15.26 16.31
N SER A 120 -2.83 -15.20 17.34
CA SER A 120 -1.36 -15.14 17.17
C SER A 120 -0.78 -13.88 16.52
N GLU A 121 -1.63 -12.88 16.25
CA GLU A 121 -1.18 -11.61 15.68
C GLU A 121 -1.48 -10.47 16.68
N ILE A 122 -0.53 -9.55 16.76
CA ILE A 122 -0.67 -8.34 17.59
C ILE A 122 -1.83 -7.52 17.09
N CYS A 123 -2.63 -7.02 18.03
CA CYS A 123 -3.70 -6.12 17.66
C CYS A 123 -3.91 -4.95 18.59
N GLY A 124 -2.89 -4.69 19.40
CA GLY A 124 -2.95 -3.55 20.26
C GLY A 124 -1.92 -3.76 21.33
N THR A 125 -1.98 -2.94 22.37
CA THR A 125 -1.04 -3.14 23.47
C THR A 125 -1.83 -2.85 24.76
N LYS A 126 -1.30 -3.36 25.88
CA LYS A 126 -1.96 -3.18 27.18
C LYS A 126 -0.95 -3.03 28.30
N ASP A 127 -1.47 -2.67 29.50
CA ASP A 127 -0.68 -2.52 30.72
C ASP A 127 0.23 -1.28 30.67
N PRO A 128 -0.36 -0.07 30.71
CA PRO A 128 0.42 1.16 30.49
C PRO A 128 1.55 1.31 31.52
N THR A 129 2.69 1.82 31.08
CA THR A 129 3.76 2.27 31.95
C THR A 129 3.66 3.77 32.18
N PHE A 130 4.58 4.34 32.96
CA PHE A 130 4.63 5.77 33.12
C PHE A 130 5.60 6.43 32.09
N HIS A 131 6.12 5.64 31.17
CA HIS A 131 7.07 6.13 30.17
C HIS A 131 6.35 6.62 28.90
N ARG A 132 6.96 7.56 28.17
CA ARG A 132 6.30 8.02 26.94
C ARG A 132 7.32 8.17 25.81
N ILE A 133 6.88 8.03 24.59
CA ILE A 133 7.77 8.23 23.41
C ILE A 133 7.16 9.29 22.50
N LEU A 134 8.04 10.09 21.88
CA LEU A 134 7.60 11.09 20.89
C LEU A 134 7.91 10.54 19.52
N LEU A 135 6.85 10.29 18.74
CA LEU A 135 6.97 9.61 17.46
C LEU A 135 6.14 10.30 16.39
N ASP A 136 6.69 10.42 15.16
CA ASP A 136 5.89 10.88 14.01
C ASP A 136 5.87 9.77 12.98
N ALA A 137 4.82 9.74 12.18
CA ALA A 137 4.76 8.77 11.02
C ALA A 137 3.85 9.37 9.99
N HIS A 138 4.20 9.15 8.72
CA HIS A 138 3.31 9.62 7.65
C HIS A 138 3.64 8.79 6.44
N PHE A 139 2.65 8.62 5.58
CA PHE A 139 2.89 8.09 4.25
C PHE A 139 3.15 9.22 3.24
N GLU A 140 4.06 8.97 2.33
CA GLU A 140 4.26 9.89 1.19
C GLU A 140 3.63 9.39 -0.06
N LEU A 141 3.16 10.31 -0.91
CA LEU A 141 2.68 9.93 -2.23
C LEU A 141 3.85 9.79 -3.21
N PRO A 142 3.65 8.98 -4.27
CA PRO A 142 4.62 8.81 -5.36
C PRO A 142 4.81 10.18 -6.01
N LEU A 143 5.98 10.34 -6.62
CA LEU A 143 6.33 11.54 -7.33
C LEU A 143 5.54 11.60 -8.64
N ASP A 144 5.35 12.82 -9.15
CA ASP A 144 4.84 13.08 -10.52
C ASP A 144 6.00 13.49 -11.40
N ILE A 145 6.07 12.91 -12.58
CA ILE A 145 7.05 13.36 -13.57
C ILE A 145 6.32 14.32 -14.51
N PRO A 146 6.86 15.54 -14.75
CA PRO A 146 6.17 16.49 -15.68
C PRO A 146 5.90 15.89 -17.08
N GLU A 147 4.82 16.31 -17.73
CA GLU A 147 4.41 15.67 -18.97
C GLU A 147 5.48 15.62 -20.05
N GLU A 148 6.19 16.72 -20.32
CA GLU A 148 7.27 16.75 -21.32
CA GLU A 148 7.19 16.64 -21.38
C GLU A 148 8.35 15.67 -21.07
N GLU A 149 8.78 15.59 -19.82
CA GLU A 149 9.83 14.67 -19.45
C GLU A 149 9.28 13.25 -19.54
N ALA A 150 8.02 13.05 -19.16
CA ALA A 150 7.41 11.70 -19.35
C ALA A 150 7.37 11.27 -20.81
N ARG A 151 6.96 12.19 -21.71
CA ARG A 151 6.88 11.86 -23.12
C ARG A 151 8.28 11.50 -23.62
N TYR A 152 9.29 12.21 -23.14
CA TYR A 152 10.67 11.96 -23.58
C TYR A 152 11.10 10.53 -23.23
N TRP A 153 10.81 10.12 -21.99
CA TRP A 153 11.15 8.79 -21.47
C TRP A 153 10.39 7.72 -22.15
N ALA A 154 9.09 7.91 -22.37
CA ALA A 154 8.31 6.89 -23.09
C ALA A 154 8.87 6.60 -24.49
N LYS A 155 9.22 7.68 -25.22
CA LYS A 155 9.73 7.49 -26.58
C LYS A 155 11.09 6.85 -26.53
N LYS A 156 11.95 7.33 -25.65
CA LYS A 156 13.30 6.79 -25.53
C LYS A 156 13.27 5.31 -25.27
N LEU A 157 12.56 4.91 -24.21
CA LEU A 157 12.48 3.49 -23.91
C LEU A 157 11.53 2.66 -24.82
N GLU A 158 10.57 3.28 -25.52
CA GLU A 158 9.82 2.51 -26.53
C GLU A 158 10.78 2.13 -27.67
N GLN A 159 11.62 3.08 -28.06
CA GLN A 159 12.56 2.81 -29.15
C GLN A 159 13.54 1.71 -28.74
N LEU A 160 14.02 1.75 -27.50
CA LEU A 160 14.93 0.74 -27.04
C LEU A 160 14.21 -0.64 -26.96
N ASN A 161 13.00 -0.64 -26.42
CA ASN A 161 12.19 -1.89 -26.42
C ASN A 161 12.03 -2.47 -27.82
N ALA A 162 11.74 -1.60 -28.79
CA ALA A 162 11.49 -2.03 -30.17
C ALA A 162 12.78 -2.67 -30.70
N LYS A 163 13.92 -2.04 -30.41
CA LYS A 163 15.23 -2.54 -30.83
C LYS A 163 15.55 -3.90 -30.18
N LEU A 164 15.26 -4.02 -28.89
CA LEU A 164 15.56 -5.26 -28.16
C LEU A 164 14.75 -6.47 -28.64
N ASN A 165 13.49 -6.20 -29.00
CA ASN A 165 12.57 -7.22 -29.51
C ASN A 165 13.03 -7.79 -30.85
N SER A 166 13.83 -7.01 -31.58
CA SER A 166 14.32 -7.37 -32.94
C SER A 166 15.60 -8.23 -32.91
N ILE B 12 -19.42 7.77 5.14
CA ILE B 12 -19.02 6.33 4.87
C ILE B 12 -20.20 5.43 5.16
N LEU B 13 -20.79 4.88 4.10
CA LEU B 13 -21.93 3.98 4.21
C LEU B 13 -21.45 2.60 4.68
N SER B 14 -20.27 2.19 4.19
CA SER B 14 -19.85 0.81 4.39
C SER B 14 -18.37 0.64 4.13
N LEU B 15 -17.80 -0.38 4.75
CA LEU B 15 -16.44 -0.80 4.43
C LEU B 15 -16.53 -1.93 3.45
N LEU B 16 -15.91 -1.72 2.29
CA LEU B 16 -15.85 -2.72 1.26
C LEU B 16 -14.57 -3.53 1.49
N CYS B 17 -14.72 -4.85 1.63
CA CYS B 17 -13.58 -5.75 1.76
C CYS B 17 -13.36 -6.37 0.42
N VAL B 18 -12.10 -6.38 -0.04
CA VAL B 18 -11.81 -7.05 -1.33
C VAL B 18 -10.68 -8.03 -1.11
N GLY B 19 -10.94 -9.34 -1.34
CA GLY B 19 -9.90 -10.32 -1.20
C GLY B 19 -9.39 -10.69 -2.58
N VAL B 20 -8.14 -10.32 -2.87
CA VAL B 20 -7.50 -10.69 -4.11
C VAL B 20 -6.83 -12.02 -3.90
N LYS B 21 -7.41 -13.08 -4.48
CA LYS B 21 -6.98 -14.41 -4.08
C LYS B 21 -5.93 -14.96 -5.01
N LYS B 22 -6.34 -15.24 -6.26
CA LYS B 22 -5.44 -15.81 -7.24
C LYS B 22 -5.91 -15.47 -8.62
N ALA B 23 -5.12 -15.88 -9.60
CA ALA B 23 -5.56 -15.76 -10.98
C ALA B 23 -5.18 -17.02 -11.75
N LYS B 24 -5.72 -17.15 -12.98
CA LYS B 24 -5.43 -18.30 -13.81
C LYS B 24 -5.29 -17.75 -15.24
N PHE B 25 -4.07 -17.86 -15.76
CA PHE B 25 -3.75 -17.37 -17.12
C PHE B 25 -3.72 -18.51 -18.13
N ASP B 26 -4.23 -18.20 -19.32
CA ASP B 26 -4.19 -19.15 -20.43
C ASP B 26 -2.81 -19.03 -21.09
N GLY B 27 -2.13 -20.16 -21.28
CA GLY B 27 -0.79 -20.13 -21.89
C GLY B 27 0.32 -20.40 -20.88
N ALA B 28 1.56 -20.34 -21.33
CA ALA B 28 2.75 -20.77 -20.56
C ALA B 28 3.08 -20.03 -19.27
N GLN B 29 3.26 -20.82 -18.22
CA GLN B 29 3.73 -20.42 -16.89
C GLN B 29 4.79 -19.30 -16.90
N GLU B 30 5.82 -19.48 -17.74
CA GLU B 30 7.01 -18.59 -17.69
C GLU B 30 6.75 -17.19 -18.31
N LYS B 31 5.65 -17.08 -19.01
CA LYS B 31 5.22 -15.84 -19.60
C LYS B 31 4.66 -14.83 -18.55
N PHE B 32 4.37 -15.28 -17.32
CA PHE B 32 3.63 -14.45 -16.36
C PHE B 32 4.35 -14.15 -15.06
N ASN B 33 4.35 -12.88 -14.67
CA ASN B 33 4.89 -12.46 -13.40
C ASN B 33 4.07 -11.22 -13.03
N THR B 34 2.99 -11.46 -12.29
CA THR B 34 1.86 -10.53 -12.33
C THR B 34 1.53 -9.96 -11.00
N TYR B 35 0.94 -8.75 -11.05
CA TYR B 35 0.39 -8.13 -9.84
C TYR B 35 -0.97 -7.54 -10.17
N VAL B 36 -1.76 -7.29 -9.12
CA VAL B 36 -3.13 -6.82 -9.27
C VAL B 36 -3.25 -5.46 -8.60
N THR B 37 -3.88 -4.49 -9.28
CA THR B 37 -4.14 -3.21 -8.69
C THR B 37 -5.62 -3.05 -8.56
N LEU B 38 -6.04 -2.29 -7.56
CA LEU B 38 -7.50 -2.02 -7.38
C LEU B 38 -7.69 -0.51 -7.24
N LYS B 39 -8.80 0.01 -7.73
CA LYS B 39 -9.05 1.41 -7.56
C LYS B 39 -10.53 1.60 -7.25
N VAL B 40 -10.86 2.36 -6.21
CA VAL B 40 -12.27 2.74 -5.96
C VAL B 40 -12.23 4.20 -5.58
N GLN B 41 -12.99 5.03 -6.29
N GLN B 41 -13.01 5.07 -6.25
CA GLN B 41 -12.86 6.48 -6.18
CA GLN B 41 -12.84 6.53 -6.11
C GLN B 41 -11.36 6.80 -6.44
C GLN B 41 -11.42 6.93 -6.51
N ASN B 42 -10.73 7.58 -5.59
CA ASN B 42 -9.33 7.89 -5.76
C ASN B 42 -8.42 7.08 -4.82
N VAL B 43 -8.91 5.98 -4.26
CA VAL B 43 -8.08 5.14 -3.42
C VAL B 43 -7.58 4.00 -4.30
N GLU B 44 -6.28 3.77 -4.25
CA GLU B 44 -5.69 2.67 -5.06
C GLU B 44 -4.79 1.81 -4.21
N SER B 45 -4.66 0.57 -4.62
CA SER B 45 -3.89 -0.43 -3.82
C SER B 45 -3.25 -1.32 -4.82
N THR B 46 -2.30 -2.08 -4.35
CA THR B 46 -1.69 -3.10 -5.23
C THR B 46 -1.20 -4.31 -4.43
N THR B 47 -1.16 -5.45 -5.10
CA THR B 47 -0.42 -6.62 -4.59
C THR B 47 1.05 -6.51 -5.03
N ILE B 48 1.88 -7.46 -4.62
CA ILE B 48 3.18 -7.61 -5.22
C ILE B 48 3.08 -8.60 -6.38
N ALA B 49 4.18 -8.79 -7.12
CA ALA B 49 4.15 -9.65 -8.30
C ALA B 49 4.45 -11.07 -7.87
N VAL B 50 3.79 -12.01 -8.51
CA VAL B 50 3.96 -13.42 -8.22
C VAL B 50 4.03 -14.13 -9.61
N ARG B 51 5.01 -15.02 -9.76
CA ARG B 51 5.23 -15.78 -10.99
C ARG B 51 4.27 -16.94 -11.22
N GLY B 52 4.00 -17.20 -12.51
CA GLY B 52 3.33 -18.42 -12.94
C GLY B 52 1.96 -18.22 -13.53
N SER B 53 1.40 -19.31 -14.04
N SER B 53 1.39 -19.31 -14.03
CA SER B 53 0.07 -19.31 -14.66
CA SER B 53 0.06 -19.34 -14.64
C SER B 53 -1.09 -19.32 -13.64
N GLN B 54 -0.81 -19.66 -12.38
CA GLN B 54 -1.87 -19.65 -11.33
C GLN B 54 -1.28 -18.98 -10.05
N PRO B 55 -0.96 -17.66 -10.13
CA PRO B 55 -0.35 -17.05 -8.95
C PRO B 55 -1.33 -16.94 -7.82
N SER B 56 -0.84 -16.96 -6.58
N SER B 56 -0.86 -17.07 -6.57
CA SER B 56 -1.67 -16.79 -5.41
CA SER B 56 -1.65 -16.75 -5.41
C SER B 56 -1.17 -15.56 -4.63
C SER B 56 -1.10 -15.45 -4.81
N TRP B 57 -2.01 -14.53 -4.54
CA TRP B 57 -1.66 -13.33 -3.72
C TRP B 57 -2.27 -13.47 -2.33
N GLU B 58 -3.54 -13.89 -2.23
CA GLU B 58 -4.24 -13.98 -0.94
C GLU B 58 -4.08 -12.69 -0.10
N GLN B 59 -4.36 -11.54 -0.69
CA GLN B 59 -4.19 -10.27 0.02
C GLN B 59 -5.56 -9.62 0.16
N ASP B 60 -5.83 -9.08 1.35
CA ASP B 60 -7.13 -8.47 1.69
C ASP B 60 -6.95 -6.95 1.68
N PHE B 61 -7.90 -6.29 1.07
CA PHE B 61 -7.92 -4.86 1.05
C PHE B 61 -9.24 -4.34 1.62
N MET B 62 -9.24 -3.09 2.08
CA MET B 62 -10.50 -2.48 2.57
C MET B 62 -10.59 -1.05 2.05
N PHE B 63 -11.81 -0.64 1.66
CA PHE B 63 -12.05 0.72 1.18
C PHE B 63 -13.24 1.34 1.95
N GLU B 64 -13.10 2.60 2.37
CA GLU B 64 -14.25 3.39 2.88
C GLU B 64 -15.10 3.86 1.70
N ILE B 65 -16.37 3.44 1.67
CA ILE B 65 -17.28 3.76 0.56
C ILE B 65 -18.34 4.80 1.02
N ASN B 66 -18.38 5.94 0.32
CA ASN B 66 -19.48 6.91 0.55
C ASN B 66 -20.47 7.03 -0.59
N ARG B 67 -20.05 6.75 -1.82
CA ARG B 67 -21.02 6.70 -2.92
C ARG B 67 -21.01 5.34 -3.61
N LEU B 68 -22.17 4.91 -4.08
CA LEU B 68 -22.32 3.55 -4.55
C LEU B 68 -22.61 3.44 -6.01
N ASP B 69 -22.64 4.56 -6.72
CA ASP B 69 -23.05 4.53 -8.12
C ASP B 69 -21.87 4.19 -9.04
N LEU B 70 -20.67 4.14 -8.47
N LEU B 70 -20.69 4.13 -8.42
CA LEU B 70 -19.48 3.86 -9.24
CA LEU B 70 -19.44 3.88 -9.11
C LEU B 70 -19.07 2.39 -9.15
C LEU B 70 -19.05 2.41 -9.03
N GLY B 71 -17.79 2.09 -9.37
CA GLY B 71 -17.34 0.71 -9.41
C GLY B 71 -15.93 0.49 -8.86
N LEU B 72 -15.55 -0.79 -8.76
CA LEU B 72 -14.20 -1.20 -8.34
C LEU B 72 -13.50 -1.61 -9.63
N THR B 73 -12.40 -0.94 -9.95
CA THR B 73 -11.61 -1.30 -11.13
C THR B 73 -10.47 -2.18 -10.68
N VAL B 74 -10.40 -3.34 -11.31
CA VAL B 74 -9.39 -4.35 -11.01
C VAL B 74 -8.52 -4.52 -12.23
N GLU B 75 -7.21 -4.39 -12.08
CA GLU B 75 -6.33 -4.60 -13.23
C GLU B 75 -5.25 -5.59 -12.89
N VAL B 76 -4.91 -6.43 -13.86
CA VAL B 76 -3.83 -7.40 -13.70
C VAL B 76 -2.71 -7.01 -14.69
N TRP B 77 -1.51 -6.79 -14.14
CA TRP B 77 -0.33 -6.32 -14.89
C TRP B 77 0.77 -7.36 -14.92
N ASN B 78 1.44 -7.45 -16.05
CA ASN B 78 2.52 -8.43 -16.21
C ASN B 78 3.85 -7.69 -16.36
N LYS B 79 4.82 -8.05 -15.52
CA LYS B 79 6.11 -7.33 -15.50
C LYS B 79 6.93 -7.60 -16.74
N GLY B 80 7.57 -6.54 -17.23
CA GLY B 80 8.48 -6.60 -18.36
C GLY B 80 9.79 -5.95 -17.99
N LEU B 81 10.79 -6.14 -18.85
CA LEU B 81 12.09 -5.51 -18.62
C LEU B 81 11.97 -3.99 -18.69
N ILE B 82 11.20 -3.50 -19.67
CA ILE B 82 10.98 -2.08 -19.86
C ILE B 82 9.53 -1.72 -19.51
N TRP B 83 8.56 -2.32 -20.22
CA TRP B 83 7.17 -1.98 -19.96
C TRP B 83 6.53 -3.11 -19.19
N ASP B 84 5.69 -2.76 -18.23
CA ASP B 84 4.70 -3.73 -17.69
C ASP B 84 3.44 -3.56 -18.54
N THR B 85 2.77 -4.66 -18.81
CA THR B 85 1.63 -4.67 -19.72
C THR B 85 0.37 -5.13 -18.98
N MET B 86 -0.73 -4.41 -19.16
N MET B 86 -0.73 -4.38 -19.14
CA MET B 86 -1.98 -4.76 -18.47
CA MET B 86 -1.99 -4.86 -18.55
C MET B 86 -2.62 -5.96 -19.19
C MET B 86 -2.35 -6.11 -19.31
N VAL B 87 -2.64 -7.13 -18.55
CA VAL B 87 -3.13 -8.34 -19.19
C VAL B 87 -4.66 -8.52 -19.11
N GLY B 88 -5.31 -7.86 -18.17
CA GLY B 88 -6.76 -7.92 -18.19
C GLY B 88 -7.34 -7.08 -17.08
N THR B 89 -8.62 -6.72 -17.21
CA THR B 89 -9.27 -5.86 -16.22
C THR B 89 -10.74 -6.29 -16.05
N VAL B 90 -11.29 -6.04 -14.87
CA VAL B 90 -12.77 -6.07 -14.71
C VAL B 90 -13.21 -4.82 -13.97
N TRP B 91 -14.44 -4.39 -14.21
CA TRP B 91 -15.04 -3.29 -13.49
C TRP B 91 -16.30 -3.82 -12.81
N ILE B 92 -16.32 -3.78 -11.49
CA ILE B 92 -17.41 -4.34 -10.69
C ILE B 92 -18.21 -3.19 -10.11
N PRO B 93 -19.45 -2.99 -10.60
CA PRO B 93 -20.33 -1.95 -10.07
C PRO B 93 -20.52 -2.20 -8.57
N LEU B 94 -20.43 -1.15 -7.77
CA LEU B 94 -20.45 -1.34 -6.32
C LEU B 94 -21.81 -1.83 -5.85
N ARG B 95 -22.86 -1.36 -6.53
CA ARG B 95 -24.21 -1.67 -6.13
C ARG B 95 -24.43 -3.19 -6.19
N THR B 96 -23.65 -3.89 -7.02
CA THR B 96 -23.77 -5.35 -7.23
C THR B 96 -23.06 -6.24 -6.18
N ILE B 97 -22.20 -5.66 -5.33
CA ILE B 97 -21.33 -6.47 -4.47
C ILE B 97 -22.14 -6.99 -3.28
N ARG B 98 -21.89 -8.24 -2.86
CA ARG B 98 -22.68 -8.81 -1.75
C ARG B 98 -22.45 -8.05 -0.45
N GLN B 99 -23.49 -8.04 0.36
CA GLN B 99 -23.49 -7.32 1.61
C GLN B 99 -23.40 -8.36 2.71
N SER B 100 -22.25 -8.42 3.37
CA SER B 100 -22.03 -9.46 4.34
C SER B 100 -20.79 -9.17 5.11
N ASN B 101 -20.78 -9.56 6.39
CA ASN B 101 -19.53 -9.58 7.14
C ASN B 101 -18.63 -10.78 6.85
N GLU B 102 -19.15 -11.79 6.17
CA GLU B 102 -18.47 -13.06 6.04
C GLU B 102 -17.57 -13.06 4.83
N GLU B 103 -16.32 -13.43 5.06
CA GLU B 103 -15.39 -13.74 3.97
C GLU B 103 -15.94 -14.89 3.12
N GLY B 104 -15.71 -14.85 1.80
CA GLY B 104 -16.16 -15.94 0.94
C GLY B 104 -15.01 -16.60 0.19
N PRO B 105 -15.32 -17.69 -0.57
CA PRO B 105 -14.27 -18.40 -1.31
C PRO B 105 -13.80 -17.59 -2.55
N GLY B 106 -14.57 -16.58 -2.93
CA GLY B 106 -14.25 -15.80 -4.15
C GLY B 106 -15.06 -16.36 -5.33
N GLU B 107 -15.23 -15.56 -6.36
CA GLU B 107 -15.74 -16.06 -7.60
C GLU B 107 -14.74 -15.83 -8.73
N TRP B 108 -14.64 -16.81 -9.63
CA TRP B 108 -13.76 -16.65 -10.80
C TRP B 108 -14.44 -15.73 -11.82
N LEU B 109 -13.73 -14.66 -12.18
CA LEU B 109 -14.24 -13.63 -13.08
C LEU B 109 -13.34 -13.62 -14.30
N THR B 110 -13.92 -13.63 -15.51
N THR B 110 -13.96 -13.54 -15.47
CA THR B 110 -13.09 -13.53 -16.71
CA THR B 110 -13.28 -13.39 -16.74
C THR B 110 -12.62 -12.11 -16.87
C THR B 110 -12.62 -12.03 -16.77
N LEU B 111 -11.32 -11.98 -17.08
CA LEU B 111 -10.66 -10.70 -17.31
C LEU B 111 -10.90 -10.18 -18.71
N ASP B 112 -11.24 -8.90 -18.84
CA ASP B 112 -11.44 -8.33 -20.16
C ASP B 112 -10.20 -7.55 -20.64
N SER B 113 -10.11 -7.29 -21.93
CA SER B 113 -8.93 -6.60 -22.47
C SER B 113 -8.88 -5.10 -22.18
N GLN B 114 -10.04 -4.44 -22.15
CA GLN B 114 -10.01 -3.03 -21.90
C GLN B 114 -11.24 -2.40 -21.30
N ALA B 115 -11.01 -1.23 -20.67
CA ALA B 115 -12.03 -0.41 -20.07
C ALA B 115 -12.89 0.25 -21.14
N ILE B 116 -14.16 0.48 -20.83
CA ILE B 116 -15.04 1.36 -21.61
C ILE B 116 -15.17 2.67 -20.80
N MET B 117 -15.09 3.82 -21.47
CA MET B 117 -15.22 5.14 -20.81
C MET B 117 -16.50 5.88 -21.19
N ALA B 118 -17.10 6.55 -20.20
CA ALA B 118 -18.12 7.59 -20.45
C ALA B 118 -17.66 8.86 -19.70
N ASP B 119 -17.37 9.92 -20.47
CA ASP B 119 -16.82 11.18 -19.92
C ASP B 119 -15.50 10.98 -19.17
N SER B 120 -14.49 10.49 -19.90
CA SER B 120 -13.13 10.23 -19.35
C SER B 120 -13.10 9.28 -18.13
N GLU B 121 -14.19 8.53 -17.92
CA GLU B 121 -14.37 7.66 -16.74
C GLU B 121 -14.97 6.28 -17.03
N ILE B 122 -14.30 5.24 -16.51
CA ILE B 122 -14.71 3.84 -16.67
C ILE B 122 -16.16 3.54 -16.29
N CYS B 123 -16.87 2.85 -17.18
CA CYS B 123 -18.26 2.50 -16.96
C CYS B 123 -18.49 1.05 -17.36
N GLY B 124 -17.41 0.31 -17.57
CA GLY B 124 -17.50 -1.08 -18.00
C GLY B 124 -16.20 -1.56 -18.61
N THR B 125 -16.20 -2.77 -19.14
CA THR B 125 -15.03 -3.34 -19.84
C THR B 125 -15.52 -4.14 -21.04
N LYS B 126 -14.60 -4.48 -21.94
CA LYS B 126 -14.97 -5.21 -23.15
C LYS B 126 -13.85 -6.13 -23.62
N ASP B 127 -14.19 -7.01 -24.56
CA ASP B 127 -13.22 -7.91 -25.22
C ASP B 127 -12.65 -8.93 -24.22
N PRO B 128 -13.42 -10.00 -23.91
CA PRO B 128 -12.90 -11.00 -22.95
C PRO B 128 -11.63 -11.71 -23.41
N THR B 129 -10.77 -12.01 -22.44
CA THR B 129 -9.56 -12.78 -22.61
C THR B 129 -9.83 -14.17 -22.09
N PHE B 130 -8.86 -15.05 -22.25
CA PHE B 130 -9.00 -16.40 -21.72
C PHE B 130 -8.42 -16.52 -20.31
N HIS B 131 -8.15 -15.39 -19.67
CA HIS B 131 -7.58 -15.33 -18.32
C HIS B 131 -8.69 -14.98 -17.35
N ARG B 132 -8.57 -15.54 -16.14
N ARG B 132 -8.55 -15.45 -16.12
CA ARG B 132 -9.55 -15.36 -15.04
CA ARG B 132 -9.49 -15.04 -15.09
C ARG B 132 -8.89 -14.99 -13.70
C ARG B 132 -8.83 -14.77 -13.75
N ILE B 133 -9.64 -14.25 -12.86
CA ILE B 133 -9.16 -13.83 -11.54
C ILE B 133 -10.14 -14.29 -10.49
N LEU B 134 -9.63 -14.67 -9.33
CA LEU B 134 -10.51 -15.17 -8.23
C LEU B 134 -10.56 -14.06 -7.22
N LEU B 135 -11.75 -13.50 -7.02
CA LEU B 135 -11.86 -12.33 -6.10
C LEU B 135 -13.01 -12.52 -5.17
N ASP B 136 -12.82 -12.17 -3.89
CA ASP B 136 -13.96 -12.15 -2.98
C ASP B 136 -14.20 -10.65 -2.73
N ALA B 137 -15.43 -10.20 -2.77
CA ALA B 137 -15.70 -8.84 -2.35
C ALA B 137 -16.99 -8.85 -1.55
N HIS B 138 -17.01 -8.10 -0.47
CA HIS B 138 -18.25 -7.93 0.29
C HIS B 138 -18.23 -6.60 1.07
N PHE B 139 -19.41 -5.98 1.20
CA PHE B 139 -19.62 -4.85 2.13
C PHE B 139 -19.91 -5.26 3.57
N GLU B 140 -19.05 -4.82 4.49
CA GLU B 140 -19.31 -5.08 5.91
C GLU B 140 -20.53 -4.31 6.41
N LEU B 141 -21.31 -4.93 7.29
CA LEU B 141 -22.54 -4.26 7.76
C LEU B 141 -22.19 -3.14 8.72
N PRO B 142 -22.72 -1.92 8.50
CA PRO B 142 -22.51 -0.90 9.54
C PRO B 142 -23.26 -1.27 10.81
N LEU B 143 -22.87 -0.69 11.93
CA LEU B 143 -23.46 -1.06 13.23
C LEU B 143 -24.86 -0.50 13.44
N ASP B 144 -25.02 0.76 13.05
CA ASP B 144 -26.31 1.41 13.04
CA ASP B 144 -26.27 1.47 13.12
C ASP B 144 -26.22 2.51 12.01
N ILE B 145 -27.36 3.07 11.65
CA ILE B 145 -27.36 4.19 10.74
C ILE B 145 -28.17 5.28 11.45
N PRO B 146 -27.49 6.31 12.00
CA PRO B 146 -28.17 7.43 12.69
C PRO B 146 -29.27 8.07 11.83
N GLU B 147 -30.38 8.49 12.47
CA GLU B 147 -31.52 9.05 11.75
C GLU B 147 -31.14 10.10 10.70
N GLU B 148 -30.20 10.98 11.04
CA GLU B 148 -29.73 12.04 10.14
C GLU B 148 -29.09 11.50 8.86
N GLU B 149 -28.28 10.45 9.01
CA GLU B 149 -27.56 9.84 7.89
C GLU B 149 -28.45 8.96 7.04
N ALA B 150 -29.42 8.30 7.67
CA ALA B 150 -30.41 7.49 6.98
C ALA B 150 -31.16 8.29 5.91
N ARG B 151 -31.47 9.56 6.24
CA ARG B 151 -32.11 10.51 5.31
C ARG B 151 -31.22 10.84 4.13
N TYR B 152 -29.93 10.94 4.39
CA TYR B 152 -28.93 11.19 3.35
C TYR B 152 -28.76 9.97 2.43
N TRP B 153 -28.60 8.78 3.01
CA TRP B 153 -28.48 7.52 2.25
C TRP B 153 -29.74 7.13 1.45
N ALA B 154 -30.92 7.33 2.06
CA ALA B 154 -32.21 7.11 1.40
C ALA B 154 -32.30 7.85 0.07
N LYS B 155 -31.79 9.08 0.02
CA LYS B 155 -31.80 9.92 -1.19
C LYS B 155 -30.85 9.38 -2.25
N LYS B 156 -29.63 9.07 -1.84
CA LYS B 156 -28.61 8.48 -2.71
C LYS B 156 -28.98 7.09 -3.26
N LEU B 157 -29.51 6.22 -2.39
CA LEU B 157 -29.90 4.86 -2.80
C LEU B 157 -31.11 4.86 -3.75
N GLU B 158 -32.05 5.78 -3.50
CA GLU B 158 -33.31 5.88 -4.26
C GLU B 158 -33.12 6.35 -5.71
N GLN B 159 -31.88 6.59 -6.10
CA GLN B 159 -31.51 6.81 -7.49
C GLN B 159 -30.59 5.69 -7.99
N LEU B 160 -30.48 4.62 -7.21
CA LEU B 160 -29.84 3.39 -7.68
C LEU B 160 -30.87 2.23 -7.63
N ASN B 161 -32.14 2.60 -7.69
CA ASN B 161 -33.29 1.69 -7.43
C ASN B 161 -33.06 0.83 -6.18
N ALA B 162 -32.66 1.50 -5.11
CA ALA B 162 -32.28 0.83 -3.86
C ALA B 162 -32.87 1.61 -2.70
N LYS B 163 -32.83 1.02 -1.51
CA LYS B 163 -33.35 1.67 -0.31
C LYS B 163 -32.79 0.93 0.88
N LEU B 164 -32.55 1.65 1.97
CA LEU B 164 -32.01 1.03 3.17
C LEU B 164 -32.92 -0.13 3.61
N ASN B 165 -32.30 -1.27 3.94
CA ASN B 165 -33.04 -2.39 4.48
C ASN B 165 -33.82 -1.91 5.72
N SER B 166 -35.12 -2.19 5.74
CA SER B 166 -36.04 -1.64 6.75
C SER B 166 -35.64 -2.08 8.15
N SER B 167 -34.93 -3.20 8.22
CA SER B 167 -34.39 -3.72 9.48
C SER B 167 -32.96 -3.22 9.72
N ALA C 9 17.65 -7.17 4.59
CA ALA C 9 17.24 -5.71 4.33
C ALA C 9 17.54 -5.17 2.90
N PRO C 10 16.84 -5.66 1.87
CA PRO C 10 16.99 -4.89 0.62
C PRO C 10 16.65 -3.39 0.81
N THR C 11 17.41 -2.54 0.15
N THR C 11 17.56 -2.51 0.36
CA THR C 11 17.33 -1.13 0.40
CA THR C 11 17.34 -1.05 0.44
C THR C 11 17.44 -0.40 -0.94
C THR C 11 17.28 -0.47 -0.97
N CYS C 12 16.73 0.72 -1.05
CA CYS C 12 16.65 1.48 -2.30
C CYS C 12 18.08 1.72 -2.84
N GLY C 13 18.27 1.45 -4.13
CA GLY C 13 19.61 1.60 -4.77
C GLY C 13 19.97 3.03 -5.11
N ILE C 14 19.05 3.96 -4.85
CA ILE C 14 19.28 5.40 -5.04
C ILE C 14 19.61 6.12 -3.76
N CYS C 15 18.69 6.08 -2.76
CA CYS C 15 18.91 6.82 -1.52
C CYS C 15 19.65 5.95 -0.51
N HIS C 16 19.63 4.65 -0.72
CA HIS C 16 20.31 3.69 0.22
C HIS C 16 19.74 3.80 1.66
N LYS C 17 18.45 4.16 1.79
N LYS C 17 18.47 4.19 1.80
CA LYS C 17 17.92 4.42 3.10
CA LYS C 17 17.91 4.41 3.13
C LYS C 17 16.61 3.61 3.27
C LYS C 17 16.60 3.60 3.28
N THR C 18 15.69 3.75 2.32
CA THR C 18 14.38 3.10 2.43
C THR C 18 14.59 1.60 2.32
N LYS C 19 13.96 0.85 3.21
CA LYS C 19 14.05 -0.59 3.18
C LYS C 19 12.80 -1.13 2.51
N PHE C 20 12.98 -2.14 1.65
CA PHE C 20 11.79 -2.72 0.99
C PHE C 20 11.21 -3.93 1.72
N ALA C 21 9.89 -3.91 1.92
CA ALA C 21 9.19 -5.18 2.28
C ALA C 21 9.29 -6.13 1.09
N ASP C 22 9.15 -7.43 1.33
CA ASP C 22 9.30 -8.38 0.22
C ASP C 22 8.44 -8.04 -0.98
N GLY C 23 9.04 -8.03 -2.16
CA GLY C 23 8.27 -7.78 -3.41
C GLY C 23 7.97 -6.30 -3.67
N CYS C 24 8.35 -5.42 -2.75
CA CYS C 24 8.09 -3.97 -2.94
C CYS C 24 9.27 -3.23 -3.61
N GLY C 25 9.00 -2.00 -4.05
CA GLY C 25 9.98 -1.31 -4.88
C GLY C 25 9.73 -1.54 -6.37
N HIS C 26 10.38 -0.68 -7.18
CA HIS C 26 10.25 -0.84 -8.62
C HIS C 26 11.63 -0.83 -9.27
N ASN C 27 11.79 -1.61 -10.34
CA ASN C 27 13.08 -1.54 -11.04
C ASN C 27 12.99 -0.46 -12.14
N CYS C 28 14.00 0.39 -12.20
CA CYS C 28 14.14 1.37 -13.29
C CYS C 28 14.13 0.65 -14.64
N SER C 29 13.25 1.09 -15.55
CA SER C 29 13.11 0.45 -16.87
C SER C 29 14.34 0.67 -17.72
N TYR C 30 15.18 1.63 -17.33
CA TYR C 30 16.43 1.84 -18.09
C TYR C 30 17.64 1.14 -17.44
N CYS C 31 17.99 1.52 -16.21
CA CYS C 31 19.23 1.02 -15.55
C CYS C 31 19.00 -0.22 -14.69
N GLN C 32 17.72 -0.55 -14.44
CA GLN C 32 17.25 -1.72 -13.62
C GLN C 32 17.53 -1.61 -12.14
N THR C 33 17.97 -0.45 -11.67
CA THR C 33 18.15 -0.25 -10.22
C THR C 33 16.80 -0.25 -9.53
N LYS C 34 16.70 -0.94 -8.38
CA LYS C 34 15.43 -0.97 -7.62
C LYS C 34 15.34 0.29 -6.74
N PHE C 35 14.22 1.02 -6.85
CA PHE C 35 14.12 2.26 -6.17
C PHE C 35 12.82 2.39 -5.40
N CYS C 36 12.87 3.26 -4.39
CA CYS C 36 11.68 3.57 -3.53
C CYS C 36 10.92 4.78 -4.07
N ALA C 37 9.74 5.04 -3.48
CA ALA C 37 8.81 6.10 -3.98
C ALA C 37 9.40 7.50 -4.00
N ARG C 38 10.46 7.72 -3.23
CA ARG C 38 11.08 9.07 -3.23
C ARG C 38 12.05 9.23 -4.37
N CYS C 39 12.38 8.14 -5.07
CA CYS C 39 13.61 8.12 -5.85
C CYS C 39 13.40 7.81 -7.32
N GLY C 40 12.16 7.92 -7.79
CA GLY C 40 11.92 7.73 -9.23
C GLY C 40 10.41 7.83 -9.45
N GLY C 41 9.95 7.60 -10.69
CA GLY C 41 8.48 7.74 -10.91
C GLY C 41 8.07 6.80 -12.01
N ARG C 42 6.87 7.02 -12.51
CA ARG C 42 6.21 6.09 -13.42
C ARG C 42 5.75 6.88 -14.65
N VAL C 43 5.88 6.31 -15.86
CA VAL C 43 5.34 6.91 -17.05
C VAL C 43 4.36 5.88 -17.56
N SER C 44 3.12 6.31 -17.80
CA SER C 44 2.00 5.46 -18.25
C SER C 44 1.66 5.83 -19.68
N LEU C 45 1.53 4.81 -20.52
CA LEU C 45 1.39 5.01 -21.99
C LEU C 45 0.11 4.31 -22.37
N ARG C 46 -0.84 5.08 -22.89
CA ARG C 46 -2.20 4.61 -23.07
C ARG C 46 -2.69 4.00 -21.72
N SER C 47 -3.71 3.15 -21.75
CA SER C 47 -4.17 2.51 -20.50
C SER C 47 -3.62 1.08 -20.22
N ASN C 48 -2.66 0.61 -21.05
CA ASN C 48 -2.14 -0.74 -20.90
C ASN C 48 -0.64 -0.95 -20.78
N LYS C 49 0.17 0.10 -20.59
CA LYS C 49 1.63 -0.07 -20.57
C LYS C 49 2.09 0.93 -19.52
N VAL C 50 3.02 0.54 -18.65
CA VAL C 50 3.64 1.50 -17.76
C VAL C 50 5.12 1.18 -17.71
N MET C 51 5.96 2.20 -17.51
CA MET C 51 7.39 1.97 -17.24
C MET C 51 7.77 2.75 -16.00
N TRP C 52 8.99 2.49 -15.49
N TRP C 52 8.99 2.51 -15.51
CA TRP C 52 9.45 3.08 -14.25
CA TRP C 52 9.47 3.21 -14.34
C TRP C 52 10.85 3.66 -14.51
C TRP C 52 10.83 3.82 -14.66
N VAL C 53 11.15 4.84 -13.94
N VAL C 53 11.12 4.97 -14.03
CA VAL C 53 12.47 5.47 -14.20
CA VAL C 53 12.41 5.64 -14.22
C VAL C 53 12.97 6.19 -12.96
C VAL C 53 12.93 6.11 -12.88
N CYS C 54 14.18 5.80 -12.57
CA CYS C 54 14.78 6.32 -11.35
C CYS C 54 15.25 7.77 -11.56
N ASN C 55 15.45 8.47 -10.44
CA ASN C 55 15.80 9.88 -10.54
C ASN C 55 17.23 10.12 -11.00
N LEU C 56 18.10 9.11 -10.91
CA LEU C 56 19.44 9.27 -11.46
C LEU C 56 19.41 9.23 -12.97
N CYS C 57 18.66 8.31 -13.53
CA CYS C 57 18.54 8.28 -14.98
C CYS C 57 17.82 9.55 -15.44
N ARG C 58 16.81 9.99 -14.72
CA ARG C 58 16.17 11.28 -15.08
C ARG C 58 17.20 12.40 -15.13
N LYS C 59 18.02 12.49 -14.11
CA LYS C 59 19.01 13.58 -14.07
C LYS C 59 19.94 13.52 -15.26
N GLN C 60 20.39 12.30 -15.59
CA GLN C 60 21.35 12.12 -16.67
C GLN C 60 20.80 12.68 -18.00
N GLN C 61 19.52 12.44 -18.26
CA GLN C 61 18.96 12.76 -19.54
C GLN C 61 18.42 14.20 -19.62
N GLU C 62 18.48 14.93 -18.50
CA GLU C 62 18.01 16.32 -18.46
C GLU C 62 18.78 17.20 -19.41
C1 EDO D . 4.19 -0.93 -4.10
O1 EDO D . 4.44 -1.98 -5.03
C2 EDO D . 5.39 -0.82 -3.18
O2 EDO D . 6.60 -0.61 -3.91
C1 EDO E . 13.34 12.21 13.55
O1 EDO E . 12.11 12.68 13.04
C2 EDO E . 14.41 13.22 13.09
O2 EDO E . 13.88 14.56 13.25
C1 GOL F . 1.52 7.79 13.96
O1 GOL F . 0.46 8.29 13.20
C2 GOL F . 2.40 8.89 14.52
O2 GOL F . 2.19 10.22 13.99
C3 GOL F . 2.37 8.81 16.02
O3 GOL F . 1.10 8.40 16.48
C1 GOL G . 20.99 -1.40 18.27
O1 GOL G . 21.31 -0.03 18.19
C2 GOL G . 21.23 -1.93 19.67
O2 GOL G . 22.31 -1.19 20.20
C3 GOL G . 21.55 -3.43 19.59
O3 GOL G . 21.89 -4.00 20.84
C1 GOL H . 13.34 16.58 -21.50
O1 GOL H . 12.04 16.06 -21.51
C2 GOL H . 14.36 15.46 -21.58
O2 GOL H . 15.61 16.11 -21.62
C3 GOL H . 14.29 14.58 -20.34
O3 GOL H . 14.41 15.35 -19.17
C1 EDO I . -11.91 -10.38 2.48
O1 EDO I . -10.85 -9.53 2.03
C2 EDO I . -12.38 -11.18 1.27
O2 EDO I . -11.69 -12.45 1.27
C1 GOL J . 4.06 -2.81 -9.45
O1 GOL J . 3.75 -1.52 -8.97
C2 GOL J . 4.89 -3.68 -8.51
O2 GOL J . 5.81 -4.46 -9.23
C3 GOL J . 3.99 -4.59 -7.68
O3 GOL J . 3.98 -4.04 -6.39
C1 GOL K . -16.56 -11.34 -5.86
O1 GOL K . -17.64 -11.33 -4.95
C2 GOL K . -16.91 -10.53 -7.10
O2 GOL K . -18.03 -11.05 -7.77
C3 GOL K . -17.17 -9.11 -6.67
O3 GOL K . -18.53 -8.83 -6.57
ZN ZN L . 15.04 5.76 -2.32
ZN ZN M . 17.65 4.33 -13.66
C1 EDO N . 17.96 -2.37 -20.47
O1 EDO N . 17.92 -2.14 -19.05
C2 EDO N . 16.58 -2.05 -20.97
O2 EDO N . 16.37 -0.62 -20.89
C1 EDO O . 12.68 -7.67 -2.04
O1 EDO O . 11.73 -8.70 -2.43
C2 EDO O . 12.34 -6.22 -2.47
O2 EDO O . 11.52 -6.15 -3.62
C1 GOL P . 0.42 0.39 -10.87
O1 GOL P . 1.46 0.86 -10.04
C2 GOL P . 0.81 0.56 -12.34
O2 GOL P . 1.45 -0.59 -12.77
C3 GOL P . -0.41 0.58 -13.24
O3 GOL P . -1.40 1.47 -12.78
#